data_5DYC
#
_entry.id   5DYC
#
_cell.length_a   60.808
_cell.length_b   60.808
_cell.length_c   63.116
_cell.angle_alpha   90.00
_cell.angle_beta   90.00
_cell.angle_gamma   120.00
#
_symmetry.space_group_name_H-M   'P 32 2 1'
#
loop_
_entity.id
_entity.type
_entity.pdbx_description
1 polymer Peregrin
2 non-polymer 'NITRATE ION'
3 non-polymer 7-bromo-3,4-dihydroquinoxalin-2(1H)-one
4 water water
#
_entity_poly.entity_id   1
_entity_poly.type   'polypeptide(L)'
_entity_poly.pdbx_seq_one_letter_code
;SMEMQLTPFLILLRKTLEQLQEKDTGNIFSEPVPLSEVPDYLDHIKKPMDFFTMKQNLEAYRYLNFDDFEEDFNLIVSNC
LKYNAKDTIFYRAAVRLREQGGAVLRQARRQAEKMG
;
_entity_poly.pdbx_strand_id   A
#
loop_
_chem_comp.id
_chem_comp.type
_chem_comp.name
_chem_comp.formula
5GU non-polymer 7-bromo-3,4-dihydroquinoxalin-2(1H)-one 'C8 H7 Br N2 O'
NO3 non-polymer 'NITRATE ION' 'N O3 -1'
#
# COMPACT_ATOMS: atom_id res chain seq x y z
N GLU A 3 -18.61 5.78 12.42
CA GLU A 3 -19.27 6.85 13.16
C GLU A 3 -18.28 7.96 13.52
N MET A 4 -17.77 8.64 12.50
CA MET A 4 -16.78 9.69 12.69
C MET A 4 -16.90 10.69 11.55
N GLN A 5 -16.16 11.79 11.68
CA GLN A 5 -16.13 12.82 10.66
C GLN A 5 -15.19 12.42 9.53
N LEU A 6 -15.56 12.76 8.30
CA LEU A 6 -14.79 12.34 7.14
C LEU A 6 -13.43 13.02 7.09
N THR A 7 -13.41 14.35 7.24
CA THR A 7 -12.15 15.09 7.03
C THR A 7 -11.02 14.61 7.92
N PRO A 8 -11.16 14.49 9.25
CA PRO A 8 -10.01 14.00 10.03
C PRO A 8 -9.58 12.59 9.68
N PHE A 9 -10.54 11.74 9.28
CA PHE A 9 -10.20 10.39 8.87
C PHE A 9 -9.32 10.40 7.62
N LEU A 10 -9.68 11.21 6.63
CA LEU A 10 -8.87 11.26 5.42
C LEU A 10 -7.51 11.88 5.71
N ILE A 11 -7.48 12.87 6.61
CA ILE A 11 -6.20 13.42 7.07
C ILE A 11 -5.32 12.31 7.63
N LEU A 12 -5.91 11.46 8.48
CA LEU A 12 -5.18 10.32 9.04
C LEU A 12 -4.71 9.37 7.94
N LEU A 13 -5.57 9.06 6.97
CA LEU A 13 -5.14 8.16 5.91
C LEU A 13 -4.02 8.76 5.07
N ARG A 14 -4.06 10.08 4.86
CA ARG A 14 -2.98 10.73 4.11
C ARG A 14 -1.66 10.62 4.85
N LYS A 15 -1.68 10.90 6.15
CA LYS A 15 -0.47 10.77 6.98
C LYS A 15 0.04 9.34 6.98
N THR A 16 -0.87 8.37 7.09
CA THR A 16 -0.49 6.96 7.11
C THR A 16 0.12 6.53 5.78
N LEU A 17 -0.48 6.97 4.67
CA LEU A 17 0.07 6.63 3.37
C LEU A 17 1.46 7.22 3.21
N GLU A 18 1.67 8.45 3.69
CA GLU A 18 3.01 9.04 3.69
C GLU A 18 3.99 8.18 4.48
N GLN A 19 3.57 7.69 5.65
CA GLN A 19 4.46 6.88 6.48
C GLN A 19 4.77 5.54 5.83
N LEU A 20 3.81 4.97 5.10
CA LEU A 20 4.09 3.73 4.39
C LEU A 20 5.08 3.97 3.25
N GLN A 21 4.89 5.05 2.50
CA GLN A 21 5.83 5.35 1.43
C GLN A 21 7.23 5.57 1.99
N GLU A 22 7.33 6.14 3.19
CA GLU A 22 8.63 6.37 3.82
C GLU A 22 9.37 5.07 4.09
N LYS A 23 8.65 3.97 4.29
CA LYS A 23 9.27 2.67 4.49
C LYS A 23 9.77 2.05 3.19
N ASP A 24 9.28 2.53 2.06
CA ASP A 24 9.68 2.04 0.75
C ASP A 24 10.78 2.97 0.25
N THR A 25 11.99 2.77 0.82
CA THR A 25 13.05 3.73 0.56
C THR A 25 13.58 3.63 -0.87
N GLY A 26 13.50 2.44 -1.46
CA GLY A 26 13.84 2.29 -2.86
C GLY A 26 12.80 2.86 -3.80
N ASN A 27 11.64 3.26 -3.28
CA ASN A 27 10.55 3.76 -4.11
C ASN A 27 10.15 2.73 -5.16
N ILE A 28 10.22 1.45 -4.81
CA ILE A 28 9.90 0.42 -5.80
C ILE A 28 8.39 0.19 -5.87
N PHE A 29 7.64 0.73 -4.91
CA PHE A 29 6.20 0.60 -4.86
C PHE A 29 5.50 1.94 -5.04
N SER A 30 6.23 2.99 -5.38
CA SER A 30 5.63 4.32 -5.48
CA SER A 30 5.63 4.33 -5.48
C SER A 30 4.71 4.45 -6.68
N GLU A 31 4.98 3.72 -7.75
CA GLU A 31 4.24 3.84 -8.99
C GLU A 31 3.94 2.45 -9.52
N PRO A 32 2.97 2.32 -10.43
CA PRO A 32 2.66 1.01 -11.00
C PRO A 32 3.90 0.34 -11.57
N VAL A 33 3.95 -0.99 -11.45
CA VAL A 33 5.06 -1.77 -12.01
C VAL A 33 5.11 -1.49 -13.50
N PRO A 34 6.24 -1.03 -14.04
CA PRO A 34 6.28 -0.62 -15.45
C PRO A 34 6.07 -1.78 -16.42
N LEU A 35 4.89 -1.85 -17.03
CA LEU A 35 4.60 -2.91 -17.98
C LEU A 35 5.55 -2.90 -19.17
N SER A 36 6.28 -1.80 -19.38
CA SER A 36 7.28 -1.78 -20.44
C SER A 36 8.46 -2.68 -20.09
N GLU A 37 8.89 -2.64 -18.83
CA GLU A 37 10.01 -3.47 -18.38
C GLU A 37 9.57 -4.83 -17.89
N VAL A 38 8.29 -4.99 -17.53
CA VAL A 38 7.75 -6.26 -17.05
C VAL A 38 6.51 -6.58 -17.87
N PRO A 39 6.65 -6.93 -19.15
CA PRO A 39 5.46 -7.07 -20.01
C PRO A 39 4.57 -8.27 -19.70
N ASP A 40 5.05 -9.26 -18.95
CA ASP A 40 4.24 -10.41 -18.57
C ASP A 40 3.60 -10.25 -17.19
N TYR A 41 3.66 -9.04 -16.62
CA TYR A 41 3.29 -8.85 -15.22
C TYR A 41 1.81 -9.16 -14.99
N LEU A 42 0.94 -8.73 -15.90
CA LEU A 42 -0.50 -8.91 -15.73
C LEU A 42 -0.97 -10.34 -15.97
N ASP A 43 -0.07 -11.27 -16.32
CA ASP A 43 -0.50 -12.63 -16.63
C ASP A 43 -1.07 -13.33 -15.41
N HIS A 44 -0.59 -13.02 -14.22
CA HIS A 44 -1.14 -13.62 -13.01
C HIS A 44 -1.41 -12.61 -11.90
N ILE A 45 -1.11 -11.33 -12.12
CA ILE A 45 -1.42 -10.29 -11.17
C ILE A 45 -2.73 -9.67 -11.63
N LYS A 46 -3.84 -10.07 -10.99
CA LYS A 46 -5.16 -9.66 -11.43
C LYS A 46 -5.48 -8.22 -11.05
N LYS A 47 -4.94 -7.73 -9.95
CA LYS A 47 -5.17 -6.35 -9.52
C LYS A 47 -3.83 -5.74 -9.09
N PRO A 48 -3.09 -5.14 -10.02
CA PRO A 48 -1.90 -4.39 -9.64
C PRO A 48 -2.28 -3.26 -8.69
N MET A 49 -1.32 -2.87 -7.86
CA MET A 49 -1.52 -1.79 -6.88
C MET A 49 -0.17 -1.16 -6.57
N ASP A 50 -0.21 0.11 -6.17
CA ASP A 50 0.97 0.91 -5.86
C ASP A 50 0.52 2.12 -5.05
N PHE A 51 1.50 2.84 -4.49
CA PHE A 51 1.15 3.96 -3.60
C PHE A 51 0.55 5.14 -4.36
N PHE A 52 0.97 5.39 -5.61
CA PHE A 52 0.37 6.49 -6.35
C PHE A 52 -1.11 6.20 -6.62
N THR A 53 -1.41 4.97 -7.03
CA THR A 53 -2.81 4.57 -7.20
C THR A 53 -3.58 4.70 -5.89
N MET A 54 -2.96 4.31 -4.78
CA MET A 54 -3.65 4.44 -3.48
C MET A 54 -3.95 5.88 -3.15
N LYS A 55 -3.02 6.80 -3.48
CA LYS A 55 -3.27 8.20 -3.26
C LYS A 55 -4.47 8.68 -4.08
N GLN A 56 -4.56 8.25 -5.33
N GLN A 56 -4.55 8.26 -5.34
CA GLN A 56 -5.71 8.64 -6.15
CA GLN A 56 -5.70 8.62 -6.17
C GLN A 56 -7.00 8.03 -5.62
C GLN A 56 -6.99 8.04 -5.60
N ASN A 57 -6.95 6.77 -5.18
CA ASN A 57 -8.13 6.16 -4.57
C ASN A 57 -8.54 6.90 -3.31
N LEU A 58 -7.56 7.27 -2.47
CA LEU A 58 -7.84 8.02 -1.25
C LEU A 58 -8.60 9.31 -1.57
N GLU A 59 -8.06 10.12 -2.48
CA GLU A 59 -8.67 11.42 -2.76
C GLU A 59 -9.99 11.30 -3.51
N ALA A 60 -10.25 10.14 -4.12
CA ALA A 60 -11.53 9.87 -4.79
C ALA A 60 -12.57 9.31 -3.83
N TYR A 61 -12.28 9.30 -2.53
CA TYR A 61 -13.18 8.82 -1.48
C TYR A 61 -13.47 7.33 -1.58
N ARG A 62 -12.51 6.56 -2.08
CA ARG A 62 -12.66 5.12 -2.17
C ARG A 62 -12.26 4.38 -0.90
N TYR A 63 -11.65 5.08 0.05
CA TYR A 63 -11.25 4.49 1.33
C TYR A 63 -12.05 5.20 2.43
N LEU A 64 -13.18 4.61 2.80
CA LEU A 64 -14.03 5.17 3.84
C LEU A 64 -13.93 4.38 5.15
N ASN A 65 -13.05 3.39 5.20
CA ASN A 65 -12.77 2.69 6.44
C ASN A 65 -11.34 2.19 6.38
N PHE A 66 -10.79 1.84 7.54
CA PHE A 66 -9.39 1.47 7.55
C PHE A 66 -9.14 0.19 6.76
N ASP A 67 -10.06 -0.77 6.80
CA ASP A 67 -9.81 -2.05 6.15
C ASP A 67 -9.66 -1.90 4.65
N ASP A 68 -10.43 -1.01 4.02
CA ASP A 68 -10.31 -0.89 2.57
C ASP A 68 -8.97 -0.29 2.19
N PHE A 69 -8.45 0.63 3.01
CA PHE A 69 -7.13 1.20 2.80
C PHE A 69 -6.05 0.15 2.97
N GLU A 70 -6.13 -0.59 4.08
CA GLU A 70 -5.17 -1.63 4.41
C GLU A 70 -5.18 -2.76 3.37
N GLU A 71 -6.35 -3.06 2.82
CA GLU A 71 -6.48 -4.09 1.79
C GLU A 71 -5.58 -3.78 0.58
N ASP A 72 -5.60 -2.53 0.11
CA ASP A 72 -4.81 -2.17 -1.07
C ASP A 72 -3.33 -2.15 -0.75
N PHE A 73 -2.97 -1.74 0.47
CA PHE A 73 -1.59 -1.87 0.89
C PHE A 73 -1.14 -3.33 0.87
N ASN A 74 -1.97 -4.22 1.44
CA ASN A 74 -1.63 -5.64 1.42
C ASN A 74 -1.50 -6.14 -0.02
N LEU A 75 -2.26 -5.57 -0.94
CA LEU A 75 -2.16 -5.96 -2.35
C LEU A 75 -0.78 -5.61 -2.91
N ILE A 76 -0.24 -4.44 -2.51
CA ILE A 76 1.11 -4.07 -2.94
C ILE A 76 2.09 -5.15 -2.53
N VAL A 77 1.99 -5.57 -1.27
CA VAL A 77 2.85 -6.61 -0.73
C VAL A 77 2.62 -7.93 -1.43
N SER A 78 1.35 -8.37 -1.53
CA SER A 78 1.10 -9.73 -2.01
CA SER A 78 1.08 -9.72 -2.01
C SER A 78 1.42 -9.87 -3.49
N ASN A 79 1.15 -8.84 -4.30
CA ASN A 79 1.50 -8.92 -5.72
C ASN A 79 2.99 -9.12 -5.90
N CYS A 80 3.79 -8.43 -5.07
CA CYS A 80 5.23 -8.48 -5.18
C CYS A 80 5.76 -9.84 -4.73
N LEU A 81 5.23 -10.37 -3.63
CA LEU A 81 5.62 -11.72 -3.23
C LEU A 81 5.21 -12.74 -4.30
N LYS A 82 4.03 -12.57 -4.90
CA LYS A 82 3.58 -13.51 -5.91
C LYS A 82 4.46 -13.48 -7.15
N TYR A 83 4.74 -12.28 -7.67
CA TYR A 83 5.40 -12.20 -8.98
C TYR A 83 6.86 -12.60 -8.90
N ASN A 84 7.58 -12.15 -7.89
CA ASN A 84 9.04 -12.23 -7.88
C ASN A 84 9.53 -13.45 -7.12
N ALA A 85 10.62 -14.04 -7.60
CA ALA A 85 11.21 -15.19 -6.93
C ALA A 85 11.71 -14.81 -5.54
N LYS A 86 11.78 -15.80 -4.66
CA LYS A 86 12.13 -15.54 -3.27
C LYS A 86 13.52 -14.95 -3.13
N ASP A 87 14.42 -15.23 -4.07
CA ASP A 87 15.82 -14.83 -3.93
C ASP A 87 16.12 -13.45 -4.53
N THR A 88 15.09 -12.63 -4.75
CA THR A 88 15.25 -11.31 -5.36
C THR A 88 15.19 -10.21 -4.31
N ILE A 89 15.77 -9.07 -4.66
CA ILE A 89 15.62 -7.87 -3.84
C ILE A 89 14.14 -7.50 -3.70
N PHE A 90 13.38 -7.61 -4.79
CA PHE A 90 11.97 -7.22 -4.77
C PHE A 90 11.21 -8.02 -3.72
N TYR A 91 11.40 -9.34 -3.70
CA TYR A 91 10.63 -10.17 -2.78
C TYR A 91 10.98 -9.80 -1.34
N ARG A 92 12.28 -9.66 -1.05
CA ARG A 92 12.68 -9.30 0.31
C ARG A 92 12.20 -7.91 0.68
N ALA A 93 12.12 -7.00 -0.30
CA ALA A 93 11.61 -5.66 -0.01
C ALA A 93 10.14 -5.70 0.36
N ALA A 94 9.38 -6.59 -0.27
CA ALA A 94 7.97 -6.71 0.09
C ALA A 94 7.81 -7.31 1.49
N VAL A 95 8.64 -8.29 1.84
CA VAL A 95 8.66 -8.80 3.21
C VAL A 95 8.94 -7.67 4.20
N ARG A 96 9.96 -6.86 3.91
CA ARG A 96 10.30 -5.77 4.83
C ARG A 96 9.17 -4.76 4.90
N LEU A 97 8.53 -4.45 3.76
CA LEU A 97 7.41 -3.51 3.77
C LEU A 97 6.25 -4.08 4.57
N ARG A 98 5.99 -5.38 4.42
CA ARG A 98 4.93 -6.01 5.20
C ARG A 98 5.19 -5.83 6.69
N GLU A 99 6.44 -5.99 7.11
CA GLU A 99 6.79 -5.90 8.51
C GLU A 99 6.73 -4.46 9.00
N GLN A 100 7.41 -3.56 8.29
CA GLN A 100 7.45 -2.17 8.73
C GLN A 100 6.10 -1.49 8.52
N GLY A 101 5.44 -1.78 7.40
CA GLY A 101 4.12 -1.22 7.17
C GLY A 101 3.07 -1.69 8.16
N GLY A 102 3.17 -2.97 8.57
CA GLY A 102 2.22 -3.50 9.54
C GLY A 102 2.21 -2.69 10.83
N ALA A 103 3.39 -2.33 11.32
CA ALA A 103 3.46 -1.53 12.54
C ALA A 103 2.88 -0.13 12.32
N VAL A 104 3.15 0.49 11.16
CA VAL A 104 2.55 1.77 10.84
C VAL A 104 1.03 1.65 10.85
N LEU A 105 0.52 0.57 10.26
CA LEU A 105 -0.93 0.41 10.14
C LEU A 105 -1.58 0.18 11.50
N ARG A 106 -0.97 -0.62 12.36
N ARG A 106 -0.94 -0.61 12.36
CA ARG A 106 -1.56 -0.87 13.67
CA ARG A 106 -1.49 -0.89 13.68
C ARG A 106 -1.70 0.42 14.46
C ARG A 106 -1.66 0.38 14.49
N GLN A 107 -0.64 1.24 14.46
CA GLN A 107 -0.71 2.51 15.19
C GLN A 107 -1.77 3.43 14.58
N ALA A 108 -1.85 3.49 13.26
CA ALA A 108 -2.83 4.37 12.62
C ALA A 108 -4.24 3.92 12.93
N ARG A 109 -4.47 2.61 12.97
CA ARG A 109 -5.80 2.11 13.26
C ARG A 109 -6.22 2.43 14.68
N ARG A 110 -5.27 2.34 15.63
CA ARG A 110 -5.55 2.78 16.99
C ARG A 110 -6.04 4.22 17.02
N GLN A 111 -5.43 5.08 16.20
CA GLN A 111 -5.84 6.48 16.16
C GLN A 111 -7.22 6.64 15.55
N ALA A 112 -7.52 5.90 14.48
CA ALA A 112 -8.84 5.98 13.87
C ALA A 112 -9.92 5.52 14.83
N GLU A 113 -9.65 4.45 15.59
CA GLU A 113 -10.63 3.92 16.53
C GLU A 113 -10.94 4.88 17.68
N LYS A 114 -10.04 5.82 17.98
CA LYS A 114 -10.37 6.85 18.98
C LYS A 114 -11.34 7.89 18.42
N MET A 115 -11.45 8.02 17.10
CA MET A 115 -12.33 8.99 16.48
C MET A 115 -13.79 8.59 16.65
N NO3 B . 7.61 -14.42 3.29
O1 NO3 B . 7.62 -14.26 4.80
O2 NO3 B . 6.62 -13.79 2.54
O3 NO3 B . 8.59 -15.23 2.65
O 5GU C . 7.33 -6.28 -8.33
C 5GU C . 7.84 -5.21 -8.65
CA 5GU C . 7.73 -4.10 -7.82
N 5GU C . 8.03 -2.81 -8.50
CAK 5GU C . 8.88 -2.79 -9.61
CAD 5GU C . 9.45 -1.60 -10.05
CAC 5GU C . 10.30 -1.63 -11.15
CAJ 5GU C . 10.58 -2.83 -11.80
BR 5GU C . 11.72 -2.87 -13.28
CAE 5GU C . 10.00 -4.00 -11.36
CAL 5GU C . 9.16 -3.99 -10.27
NAH 5GU C . 8.58 -5.17 -9.83
#